data_2LE7
#
_entry.id   2LE7
#
_entity_poly.entity_id   1
_entity_poly.type   'polypeptide(L)'
_entity_poly.pdbx_seq_one_letter_code
;LVRVARKLDRYSEYGAAVLF
;
_entity_poly.pdbx_strand_id   A
#
# COMPACT_ATOMS: atom_id res chain seq x y z
N LEU A 1 -4.25 -3.21 -6.32
CA LEU A 1 -4.27 -1.94 -5.46
C LEU A 1 -5.41 -0.98 -5.87
N VAL A 2 -5.90 -0.16 -4.93
CA VAL A 2 -6.87 0.94 -5.18
C VAL A 2 -6.27 1.96 -6.13
N ARG A 3 -7.13 2.54 -6.98
CA ARG A 3 -6.74 3.40 -8.11
C ARG A 3 -6.62 4.86 -7.71
N VAL A 4 -7.65 5.38 -7.03
CA VAL A 4 -7.77 6.81 -6.63
C VAL A 4 -6.76 7.20 -5.57
N ALA A 5 -6.38 6.26 -4.68
CA ALA A 5 -5.43 6.47 -3.58
C ALA A 5 -4.54 5.26 -3.43
N ARG A 6 -3.25 5.51 -3.19
CA ARG A 6 -2.22 4.49 -2.93
C ARG A 6 -1.37 4.92 -1.74
N LYS A 7 -0.77 6.11 -1.84
CA LYS A 7 0.08 6.74 -0.82
C LYS A 7 -0.63 6.90 0.52
N LEU A 8 0.02 6.41 1.59
CA LEU A 8 -0.49 6.37 2.98
C LEU A 8 -1.77 5.53 3.15
N ASP A 9 -2.05 4.63 2.20
CA ASP A 9 -3.36 4.00 1.98
C ASP A 9 -3.32 2.48 2.10
N ARG A 10 -3.02 1.80 0.98
CA ARG A 10 -3.07 0.33 0.85
C ARG A 10 -1.70 -0.23 0.56
N TYR A 11 -0.97 0.34 -0.40
CA TYR A 11 0.43 -0.04 -0.69
C TYR A 11 1.37 0.11 0.50
N SER A 12 0.94 0.90 1.49
CA SER A 12 1.51 1.06 2.81
C SER A 12 1.53 -0.22 3.61
N GLU A 13 0.36 -0.86 3.78
CA GLU A 13 0.24 -2.05 4.62
C GLU A 13 0.80 -3.29 3.94
N TYR A 14 0.52 -3.43 2.64
CA TYR A 14 1.06 -4.55 1.85
C TYR A 14 2.56 -4.40 1.68
N GLY A 15 3.00 -3.19 1.34
CA GLY A 15 4.43 -2.88 1.15
C GLY A 15 5.29 -3.14 2.38
N ALA A 16 4.77 -2.83 3.56
CA ALA A 16 5.47 -3.02 4.83
C ALA A 16 5.43 -4.47 5.33
N ALA A 17 4.51 -5.28 4.79
CA ALA A 17 4.41 -6.73 5.05
C ALA A 17 5.12 -7.60 4.03
N VAL A 18 5.38 -7.04 2.83
CA VAL A 18 5.88 -7.78 1.66
C VAL A 18 7.28 -7.35 1.26
N LEU A 19 7.57 -6.04 1.40
CA LEU A 19 8.85 -5.43 0.98
C LEU A 19 9.77 -5.23 2.16
N PHE A 20 9.23 -4.65 3.24
CA PHE A 20 10.01 -4.26 4.43
C PHE A 20 10.40 -5.44 5.34
N LEU A 1 -4.98 -2.60 -6.93
CA LEU A 1 -5.09 -1.62 -5.74
C LEU A 1 -6.18 -0.56 -5.96
N VAL A 2 -6.42 0.30 -4.97
CA VAL A 2 -7.33 1.47 -5.10
C VAL A 2 -6.71 2.50 -6.04
N ARG A 3 -7.58 3.19 -6.79
CA ARG A 3 -7.21 4.09 -7.89
C ARG A 3 -6.94 5.50 -7.38
N VAL A 4 -7.92 6.07 -6.68
CA VAL A 4 -7.91 7.48 -6.21
C VAL A 4 -6.93 7.77 -5.07
N ALA A 5 -6.46 6.73 -4.36
CA ALA A 5 -5.51 6.83 -3.26
C ALA A 5 -4.69 5.55 -3.17
N ARG A 6 -3.40 5.70 -2.86
CA ARG A 6 -2.42 4.62 -2.69
C ARG A 6 -1.49 4.93 -1.53
N LYS A 7 -0.89 6.14 -1.55
CA LYS A 7 0.07 6.62 -0.55
C LYS A 7 -0.59 6.96 0.79
N LEU A 8 0.01 6.43 1.88
CA LEU A 8 -0.50 6.48 3.26
C LEU A 8 -1.83 5.72 3.41
N ASP A 9 -2.08 4.75 2.50
CA ASP A 9 -3.41 4.18 2.24
C ASP A 9 -3.41 2.66 2.09
N ARG A 10 -2.81 2.13 1.02
CA ARG A 10 -2.92 0.71 0.64
C ARG A 10 -1.57 0.07 0.38
N TYR A 11 -0.78 0.63 -0.53
CA TYR A 11 0.60 0.17 -0.80
C TYR A 11 1.50 0.23 0.43
N SER A 12 1.06 1.03 1.40
CA SER A 12 1.56 1.16 2.77
C SER A 12 1.46 -0.13 3.56
N GLU A 13 0.25 -0.69 3.68
CA GLU A 13 -0.01 -1.85 4.54
C GLU A 13 0.53 -3.13 3.92
N TYR A 14 0.38 -3.25 2.60
CA TYR A 14 0.89 -4.41 1.87
C TYR A 14 2.40 -4.31 1.75
N GLY A 15 2.92 -3.14 1.35
CA GLY A 15 4.35 -2.91 1.16
C GLY A 15 5.18 -3.18 2.39
N ALA A 16 4.69 -2.81 3.57
CA ALA A 16 5.37 -3.01 4.85
C ALA A 16 5.26 -4.44 5.38
N ALA A 17 4.36 -5.25 4.82
CA ALA A 17 4.22 -6.68 5.09
C ALA A 17 4.88 -7.57 4.05
N VAL A 18 5.18 -7.03 2.86
CA VAL A 18 5.63 -7.79 1.68
C VAL A 18 7.06 -7.42 1.29
N LEU A 19 7.41 -6.14 1.45
CA LEU A 19 8.70 -5.57 1.04
C LEU A 19 9.62 -5.40 2.23
N PHE A 20 9.08 -4.80 3.30
CA PHE A 20 9.86 -4.45 4.51
C PHE A 20 10.14 -5.65 5.43
N LEU A 1 -5.50 -4.40 -4.72
CA LEU A 1 -5.14 -2.98 -4.22
C LEU A 1 -6.06 -1.92 -4.84
N VAL A 2 -6.51 -0.94 -4.05
CA VAL A 2 -7.40 0.16 -4.48
C VAL A 2 -6.75 1.00 -5.58
N ARG A 3 -7.60 1.49 -6.49
CA ARG A 3 -7.22 2.22 -7.72
C ARG A 3 -7.17 3.73 -7.51
N VAL A 4 -8.22 4.29 -6.89
CA VAL A 4 -8.39 5.74 -6.64
C VAL A 4 -7.35 6.28 -5.67
N ALA A 5 -6.95 5.48 -4.67
CA ALA A 5 -5.98 5.83 -3.64
C ALA A 5 -5.05 4.67 -3.37
N ARG A 6 -3.74 4.97 -3.31
CA ARG A 6 -2.67 4.01 -2.97
C ARG A 6 -1.75 4.61 -1.91
N LYS A 7 -1.27 5.83 -2.16
CA LYS A 7 -0.39 6.61 -1.27
C LYS A 7 -1.01 6.83 0.10
N LEU A 8 -0.26 6.45 1.15
CA LEU A 8 -0.64 6.52 2.57
C LEU A 8 -1.94 5.74 2.88
N ASP A 9 -2.21 4.69 2.08
CA ASP A 9 -3.49 3.96 2.03
C ASP A 9 -3.30 2.46 2.13
N ARG A 10 -2.90 1.82 1.03
CA ARG A 10 -3.00 0.37 0.83
C ARG A 10 -1.65 -0.23 0.52
N TYR A 11 -0.93 0.31 -0.47
CA TYR A 11 0.47 -0.06 -0.76
C TYR A 11 1.41 0.13 0.43
N SER A 12 0.97 0.93 1.40
CA SER A 12 1.51 1.08 2.74
C SER A 12 1.55 -0.22 3.52
N GLU A 13 0.39 -0.85 3.74
CA GLU A 13 0.29 -2.05 4.57
C GLU A 13 0.83 -3.28 3.87
N TYR A 14 0.53 -3.41 2.56
CA TYR A 14 1.06 -4.53 1.77
C TYR A 14 2.56 -4.39 1.62
N GLY A 15 3.03 -3.17 1.32
CA GLY A 15 4.46 -2.87 1.22
C GLY A 15 5.25 -3.19 2.48
N ALA A 16 4.68 -2.89 3.64
CA ALA A 16 5.30 -3.13 4.93
C ALA A 16 5.20 -4.59 5.40
N ALA A 17 4.32 -5.39 4.79
CA ALA A 17 4.18 -6.83 4.99
C ALA A 17 4.94 -7.68 3.98
N VAL A 18 5.29 -7.08 2.83
CA VAL A 18 5.85 -7.79 1.66
C VAL A 18 7.28 -7.37 1.37
N LEU A 19 7.59 -6.09 1.56
CA LEU A 19 8.87 -5.48 1.22
C LEU A 19 9.73 -5.30 2.46
N PHE A 20 9.14 -4.75 3.52
CA PHE A 20 9.85 -4.41 4.77
C PHE A 20 10.15 -5.63 5.66
N LEU A 1 -5.25 -2.78 -6.82
CA LEU A 1 -5.34 -1.82 -5.61
C LEU A 1 -6.48 -0.80 -5.74
N VAL A 2 -6.75 0.00 -4.70
CA VAL A 2 -7.71 1.13 -4.74
C VAL A 2 -7.20 2.19 -5.70
N ARG A 3 -8.14 2.83 -6.39
CA ARG A 3 -7.88 3.74 -7.53
C ARG A 3 -7.64 5.16 -7.06
N VAL A 4 -8.56 5.68 -6.25
CA VAL A 4 -8.60 7.08 -5.76
C VAL A 4 -7.44 7.39 -4.82
N ALA A 5 -7.01 6.39 -4.02
CA ALA A 5 -5.98 6.54 -3.00
C ALA A 5 -5.11 5.29 -2.95
N ARG A 6 -3.79 5.51 -2.84
CA ARG A 6 -2.75 4.48 -2.73
C ARG A 6 -1.75 4.83 -1.64
N LYS A 7 -1.20 6.04 -1.73
CA LYS A 7 -0.17 6.58 -0.83
C LYS A 7 -0.72 6.94 0.55
N LEU A 8 0.01 6.50 1.59
CA LEU A 8 -0.40 6.56 3.02
C LEU A 8 -1.70 5.81 3.28
N ASP A 9 -1.98 4.80 2.46
CA ASP A 9 -3.30 4.14 2.31
C ASP A 9 -3.19 2.62 2.23
N ARG A 10 -2.86 2.06 1.05
CA ARG A 10 -2.98 0.63 0.75
C ARG A 10 -1.65 0.01 0.40
N TYR A 11 -0.93 0.57 -0.57
CA TYR A 11 0.44 0.10 -0.92
C TYR A 11 1.41 0.20 0.26
N SER A 12 1.04 1.02 1.24
CA SER A 12 1.64 1.17 2.56
C SER A 12 1.59 -0.10 3.39
N GLU A 13 0.39 -0.67 3.57
CA GLU A 13 0.18 -1.82 4.46
C GLU A 13 0.67 -3.10 3.81
N TYR A 14 0.42 -3.26 2.50
CA TYR A 14 0.95 -4.39 1.74
C TYR A 14 2.46 -4.30 1.64
N GLY A 15 2.98 -3.11 1.33
CA GLY A 15 4.41 -2.85 1.25
C GLY A 15 5.16 -3.19 2.53
N ALA A 16 4.56 -2.90 3.68
CA ALA A 16 5.14 -3.17 4.99
C ALA A 16 5.01 -4.62 5.45
N ALA A 17 4.13 -5.40 4.79
CA ALA A 17 3.96 -6.84 4.99
C ALA A 17 4.72 -7.69 3.98
N VAL A 18 5.09 -7.10 2.84
CA VAL A 18 5.65 -7.80 1.67
C VAL A 18 7.10 -7.41 1.41
N LEU A 19 7.44 -6.13 1.64
CA LEU A 19 8.77 -5.56 1.36
C LEU A 19 9.59 -5.45 2.62
N PHE A 20 8.98 -4.91 3.69
CA PHE A 20 9.64 -4.65 4.98
C PHE A 20 9.84 -5.90 5.85
N LEU A 1 -3.46 -3.39 -5.79
CA LEU A 1 -4.47 -2.86 -4.78
C LEU A 1 -5.38 -1.76 -5.36
N VAL A 2 -6.07 -0.97 -4.51
CA VAL A 2 -7.04 0.08 -4.85
C VAL A 2 -6.54 1.04 -5.95
N ARG A 3 -7.50 1.50 -6.76
CA ARG A 3 -7.28 2.31 -7.97
C ARG A 3 -7.31 3.81 -7.70
N VAL A 4 -8.30 4.27 -6.93
CA VAL A 4 -8.54 5.69 -6.60
C VAL A 4 -7.56 6.27 -5.57
N ALA A 5 -6.85 5.41 -4.84
CA ALA A 5 -5.85 5.77 -3.83
C ALA A 5 -4.85 4.64 -3.64
N ARG A 6 -3.60 5.00 -3.37
CA ARG A 6 -2.50 4.07 -3.04
C ARG A 6 -1.64 4.65 -1.92
N LYS A 7 -1.13 5.87 -2.11
CA LYS A 7 -0.15 6.52 -1.22
C LYS A 7 -0.76 6.91 0.13
N LEU A 8 -0.08 6.47 1.21
CA LEU A 8 -0.52 6.54 2.60
C LEU A 8 -1.84 5.81 2.83
N ASP A 9 -2.07 4.74 2.06
CA ASP A 9 -3.37 4.07 1.91
C ASP A 9 -3.28 2.55 2.04
N ARG A 10 -3.03 1.84 0.93
CA ARG A 10 -3.10 0.38 0.85
C ARG A 10 -1.74 -0.22 0.52
N TYR A 11 -1.01 0.33 -0.46
CA TYR A 11 0.38 -0.08 -0.73
C TYR A 11 1.32 0.09 0.46
N SER A 12 0.90 0.89 1.42
CA SER A 12 1.44 1.05 2.77
C SER A 12 1.48 -0.25 3.56
N GLU A 13 0.32 -0.91 3.74
CA GLU A 13 0.21 -2.12 4.57
C GLU A 13 0.77 -3.33 3.87
N TYR A 14 0.49 -3.46 2.57
CA TYR A 14 1.07 -4.55 1.76
C TYR A 14 2.57 -4.39 1.66
N GLY A 15 3.03 -3.17 1.35
CA GLY A 15 4.45 -2.84 1.20
C GLY A 15 5.27 -3.15 2.45
N ALA A 16 4.71 -2.86 3.62
CA ALA A 16 5.36 -3.06 4.91
C ALA A 16 5.32 -4.51 5.39
N ALA A 17 4.43 -5.32 4.82
CA ALA A 17 4.32 -6.75 5.06
C ALA A 17 5.06 -7.61 4.04
N VAL A 18 5.37 -7.04 2.87
CA VAL A 18 5.91 -7.76 1.70
C VAL A 18 7.33 -7.32 1.37
N LEU A 19 7.63 -6.03 1.54
CA LEU A 19 8.90 -5.41 1.16
C LEU A 19 9.78 -5.19 2.38
N PHE A 20 9.19 -4.63 3.44
CA PHE A 20 9.94 -4.22 4.66
C PHE A 20 10.34 -5.39 5.57
N LEU A 1 -3.27 -3.78 -6.67
CA LEU A 1 -3.63 -2.63 -5.71
C LEU A 1 -5.02 -2.01 -6.02
N VAL A 2 -5.61 -1.29 -5.06
CA VAL A 2 -6.86 -0.51 -5.23
C VAL A 2 -6.66 0.58 -6.28
N ARG A 3 -7.72 0.80 -7.06
CA ARG A 3 -7.68 1.59 -8.31
C ARG A 3 -7.48 3.09 -8.11
N VAL A 4 -8.21 3.70 -7.17
CA VAL A 4 -8.27 5.17 -6.95
C VAL A 4 -7.47 5.69 -5.77
N ALA A 5 -6.88 4.80 -4.95
CA ALA A 5 -6.19 5.15 -3.71
C ALA A 5 -5.14 4.10 -3.37
N ARG A 6 -3.85 4.52 -3.43
CA ARG A 6 -2.69 3.68 -3.11
C ARG A 6 -1.81 4.36 -2.07
N LYS A 7 -1.40 5.61 -2.36
CA LYS A 7 -0.46 6.41 -1.59
C LYS A 7 -0.97 6.75 -0.19
N LEU A 8 -0.23 6.31 0.84
CA LEU A 8 -0.57 6.45 2.28
C LEU A 8 -1.90 5.76 2.62
N ASP A 9 -2.22 4.68 1.91
CA ASP A 9 -3.58 4.09 1.84
C ASP A 9 -3.60 2.57 1.89
N ARG A 10 -2.97 1.90 0.92
CA ARG A 10 -3.04 0.43 0.75
C ARG A 10 -1.69 -0.17 0.47
N TYR A 11 -0.93 0.37 -0.50
CA TYR A 11 0.46 -0.08 -0.76
C TYR A 11 1.41 0.13 0.42
N SER A 12 0.96 0.95 1.38
CA SER A 12 1.46 1.09 2.73
C SER A 12 1.49 -0.21 3.52
N GLU A 13 0.32 -0.86 3.68
CA GLU A 13 0.20 -2.05 4.53
C GLU A 13 0.72 -3.30 3.84
N TYR A 14 0.43 -3.42 2.54
CA TYR A 14 0.98 -4.53 1.74
C TYR A 14 2.49 -4.40 1.63
N GLY A 15 2.97 -3.19 1.37
CA GLY A 15 4.41 -2.88 1.29
C GLY A 15 5.16 -3.20 2.57
N ALA A 16 4.56 -2.91 3.71
CA ALA A 16 5.14 -3.15 5.03
C ALA A 16 5.05 -4.62 5.48
N ALA A 17 4.22 -5.42 4.80
CA ALA A 17 4.12 -6.87 4.99
C ALA A 17 4.91 -7.69 3.97
N VAL A 18 5.27 -7.07 2.84
CA VAL A 18 5.84 -7.75 1.66
C VAL A 18 7.28 -7.30 1.39
N LEU A 19 7.57 -6.02 1.63
CA LEU A 19 8.86 -5.38 1.34
C LEU A 19 9.68 -5.25 2.62
N PHE A 20 9.05 -4.74 3.67
CA PHE A 20 9.71 -4.46 4.96
C PHE A 20 9.95 -5.72 5.82
N LEU A 1 -3.99 -3.20 -6.43
CA LEU A 1 -4.12 -1.95 -5.52
C LEU A 1 -5.35 -1.10 -5.89
N VAL A 2 -5.82 -0.26 -4.95
CA VAL A 2 -6.92 0.72 -5.17
C VAL A 2 -6.51 1.73 -6.23
N ARG A 3 -7.52 2.16 -7.00
CA ARG A 3 -7.36 2.93 -8.25
C ARG A 3 -6.94 4.37 -7.98
N VAL A 4 -7.72 5.09 -7.18
CA VAL A 4 -7.60 6.55 -6.98
C VAL A 4 -6.70 6.97 -5.82
N ALA A 5 -6.26 6.03 -4.96
CA ALA A 5 -5.46 6.30 -3.77
C ALA A 5 -4.56 5.11 -3.47
N ARG A 6 -3.26 5.39 -3.27
CA ARG A 6 -2.23 4.39 -2.94
C ARG A 6 -1.37 4.88 -1.79
N LYS A 7 -0.79 6.09 -1.95
CA LYS A 7 0.09 6.74 -0.96
C LYS A 7 -0.60 6.99 0.38
N LEU A 8 0.01 6.49 1.46
CA LEU A 8 -0.52 6.51 2.85
C LEU A 8 -1.88 5.80 2.95
N ASP A 9 -2.08 4.74 2.14
CA ASP A 9 -3.37 4.07 1.92
C ASP A 9 -3.26 2.55 2.04
N ARG A 10 -3.00 1.85 0.92
CA ARG A 10 -3.06 0.38 0.81
C ARG A 10 -1.69 -0.20 0.54
N TYR A 11 -0.95 0.38 -0.42
CA TYR A 11 0.45 -0.02 -0.70
C TYR A 11 1.38 0.13 0.50
N SER A 12 0.93 0.91 1.49
CA SER A 12 1.47 1.06 2.83
C SER A 12 1.49 -0.23 3.62
N GLU A 13 0.33 -0.89 3.75
CA GLU A 13 0.20 -2.08 4.61
C GLU A 13 0.75 -3.31 3.91
N TYR A 14 0.48 -3.44 2.61
CA TYR A 14 1.03 -4.54 1.81
C TYR A 14 2.53 -4.39 1.67
N GLY A 15 2.99 -3.18 1.34
CA GLY A 15 4.42 -2.87 1.17
C GLY A 15 5.24 -3.15 2.41
N ALA A 16 4.72 -2.84 3.58
CA ALA A 16 5.39 -3.04 4.86
C ALA A 16 5.35 -4.48 5.36
N ALA A 17 4.46 -5.31 4.79
CA ALA A 17 4.35 -6.75 5.04
C ALA A 17 5.07 -7.60 4.00
N VAL A 18 5.36 -7.04 2.83
CA VAL A 18 5.87 -7.76 1.65
C VAL A 18 7.28 -7.32 1.28
N LEU A 19 7.58 -6.03 1.45
CA LEU A 19 8.85 -5.41 1.05
C LEU A 19 9.76 -5.21 2.26
N PHE A 20 9.19 -4.63 3.32
CA PHE A 20 9.96 -4.23 4.53
C PHE A 20 10.35 -5.40 5.44
N LEU A 1 -5.31 -4.02 -5.41
CA LEU A 1 -5.04 -2.70 -4.67
C LEU A 1 -5.96 -1.57 -5.16
N VAL A 2 -6.43 -0.69 -4.26
CA VAL A 2 -7.39 0.39 -4.56
C VAL A 2 -6.84 1.37 -5.59
N ARG A 3 -7.74 1.85 -6.45
CA ARG A 3 -7.43 2.64 -7.65
C ARG A 3 -7.38 4.13 -7.34
N VAL A 4 -8.41 4.65 -6.66
CA VAL A 4 -8.55 6.09 -6.31
C VAL A 4 -7.56 6.59 -5.26
N ALA A 5 -6.96 5.68 -4.47
CA ALA A 5 -6.02 6.00 -3.40
C ALA A 5 -5.08 4.84 -3.12
N ARG A 6 -3.77 5.10 -3.31
CA ARG A 6 -2.69 4.14 -3.10
C ARG A 6 -1.77 4.58 -1.97
N LYS A 7 -1.30 5.83 -2.05
CA LYS A 7 -0.25 6.40 -1.19
C LYS A 7 -0.77 6.91 0.15
N LEU A 8 -0.05 6.54 1.24
CA LEU A 8 -0.47 6.73 2.64
C LEU A 8 -1.82 6.07 2.91
N ASP A 9 -2.02 4.89 2.30
CA ASP A 9 -3.33 4.23 2.13
C ASP A 9 -3.21 2.72 2.12
N ARG A 10 -2.75 2.13 1.00
CA ARG A 10 -2.89 0.70 0.71
C ARG A 10 -1.55 0.05 0.38
N TYR A 11 -0.82 0.60 -0.59
CA TYR A 11 0.56 0.14 -0.88
C TYR A 11 1.51 0.29 0.31
N SER A 12 1.09 1.11 1.28
CA SER A 12 1.60 1.24 2.64
C SER A 12 1.59 -0.07 3.41
N GLU A 13 0.38 -0.64 3.61
CA GLU A 13 0.21 -1.85 4.43
C GLU A 13 0.73 -3.09 3.75
N TYR A 14 0.46 -3.22 2.44
CA TYR A 14 0.96 -4.36 1.66
C TYR A 14 2.47 -4.29 1.54
N GLY A 15 3.00 -3.09 1.26
CA GLY A 15 4.43 -2.83 1.19
C GLY A 15 5.15 -3.19 2.48
N ALA A 16 4.56 -2.87 3.62
CA ALA A 16 5.12 -3.15 4.96
C ALA A 16 4.95 -4.60 5.42
N ALA A 17 4.05 -5.36 4.77
CA ALA A 17 3.86 -6.80 4.99
C ALA A 17 4.61 -7.67 4.01
N VAL A 18 5.02 -7.10 2.86
CA VAL A 18 5.59 -7.83 1.71
C VAL A 18 7.05 -7.48 1.49
N LEU A 19 7.40 -6.20 1.69
CA LEU A 19 8.73 -5.64 1.41
C LEU A 19 9.55 -5.52 2.67
N PHE A 20 8.93 -4.94 3.71
CA PHE A 20 9.62 -4.63 4.99
C PHE A 20 9.85 -5.84 5.90
N LEU A 1 -5.63 -3.95 -3.49
CA LEU A 1 -5.35 -2.44 -3.45
C LEU A 1 -6.59 -1.61 -3.86
N VAL A 2 -6.42 -0.33 -4.20
CA VAL A 2 -7.49 0.65 -4.52
C VAL A 2 -7.06 1.46 -5.74
N ARG A 3 -8.06 1.90 -6.53
CA ARG A 3 -7.86 2.56 -7.83
C ARG A 3 -7.47 4.03 -7.66
N VAL A 4 -8.29 4.79 -6.93
CA VAL A 4 -8.19 6.27 -6.81
C VAL A 4 -7.13 6.77 -5.84
N ALA A 5 -6.60 5.89 -4.98
CA ALA A 5 -5.61 6.22 -3.96
C ALA A 5 -4.75 4.99 -3.68
N ARG A 6 -3.45 5.24 -3.44
CA ARG A 6 -2.46 4.21 -3.07
C ARG A 6 -1.54 4.76 -1.99
N LYS A 7 -0.99 5.96 -2.24
CA LYS A 7 -0.09 6.72 -1.34
C LYS A 7 -0.71 6.94 0.05
N LEU A 8 0.02 6.48 1.09
CA LEU A 8 -0.38 6.52 2.50
C LEU A 8 -1.70 5.77 2.78
N ASP A 9 -2.03 4.77 1.95
CA ASP A 9 -3.35 4.13 1.85
C ASP A 9 -3.29 2.62 2.02
N ARG A 10 -2.95 1.90 0.94
CA ARG A 10 -3.04 0.42 0.84
C ARG A 10 -1.69 -0.19 0.51
N TYR A 11 -0.98 0.35 -0.49
CA TYR A 11 0.41 -0.07 -0.78
C TYR A 11 1.37 0.10 0.39
N SER A 12 0.95 0.91 1.37
CA SER A 12 1.51 1.07 2.71
C SER A 12 1.51 -0.24 3.50
N GLU A 13 0.33 -0.86 3.70
CA GLU A 13 0.20 -2.04 4.54
C GLU A 13 0.77 -3.28 3.85
N TYR A 14 0.50 -3.41 2.55
CA TYR A 14 1.05 -4.52 1.77
C TYR A 14 2.56 -4.39 1.66
N GLY A 15 3.04 -3.17 1.36
CA GLY A 15 4.46 -2.85 1.24
C GLY A 15 5.27 -3.16 2.49
N ALA A 16 4.69 -2.87 3.65
CA ALA A 16 5.31 -3.10 4.96
C ALA A 16 5.22 -4.54 5.45
N ALA A 17 4.35 -5.35 4.82
CA ALA A 17 4.23 -6.79 5.03
C ALA A 17 4.99 -7.64 4.02
N VAL A 18 5.32 -7.06 2.86
CA VAL A 18 5.86 -7.78 1.69
C VAL A 18 7.29 -7.35 1.37
N LEU A 19 7.60 -6.07 1.58
CA LEU A 19 8.88 -5.44 1.23
C LEU A 19 9.75 -5.29 2.46
N PHE A 20 9.16 -4.72 3.52
CA PHE A 20 9.88 -4.39 4.77
C PHE A 20 10.20 -5.60 5.66
N LEU A 1 -3.76 -3.46 -6.42
CA LEU A 1 -3.88 -2.19 -5.58
C LEU A 1 -5.04 -1.28 -6.05
N VAL A 2 -5.56 -0.42 -5.17
CA VAL A 2 -6.51 0.67 -5.51
C VAL A 2 -5.85 1.63 -6.51
N ARG A 3 -6.67 2.14 -7.43
CA ARG A 3 -6.21 2.87 -8.63
C ARG A 3 -5.98 4.34 -8.36
N VAL A 4 -6.95 4.99 -7.71
CA VAL A 4 -7.00 6.46 -7.47
C VAL A 4 -6.19 6.92 -6.27
N ALA A 5 -5.78 6.01 -5.36
CA ALA A 5 -5.08 6.33 -4.12
C ALA A 5 -4.26 5.12 -3.65
N ARG A 6 -2.93 5.30 -3.60
CA ARG A 6 -1.96 4.31 -3.12
C ARG A 6 -1.16 4.88 -1.96
N LYS A 7 -0.61 6.08 -2.14
CA LYS A 7 0.23 6.80 -1.17
C LYS A 7 -0.49 7.04 0.16
N LEU A 8 0.11 6.54 1.25
CA LEU A 8 -0.45 6.54 2.62
C LEU A 8 -1.83 5.88 2.67
N ASP A 9 -2.00 4.79 1.91
CA ASP A 9 -3.28 4.09 1.68
C ASP A 9 -3.16 2.59 1.85
N ARG A 10 -2.95 1.85 0.75
CA ARG A 10 -3.01 0.38 0.70
C ARG A 10 -1.62 -0.21 0.48
N TYR A 11 -0.85 0.35 -0.45
CA TYR A 11 0.56 -0.04 -0.70
C TYR A 11 1.44 0.13 0.55
N SER A 12 0.95 0.89 1.52
CA SER A 12 1.45 1.05 2.88
C SER A 12 1.44 -0.25 3.67
N GLU A 13 0.26 -0.88 3.79
CA GLU A 13 0.11 -2.07 4.64
C GLU A 13 0.67 -3.32 3.97
N TYR A 14 0.44 -3.45 2.67
CA TYR A 14 0.99 -4.57 1.90
C TYR A 14 2.49 -4.43 1.76
N GLY A 15 2.95 -3.23 1.39
CA GLY A 15 4.37 -2.94 1.15
C GLY A 15 5.24 -3.17 2.36
N ALA A 16 4.75 -2.82 3.54
CA ALA A 16 5.47 -2.98 4.81
C ALA A 16 5.46 -4.42 5.35
N ALA A 17 4.56 -5.25 4.82
CA ALA A 17 4.49 -6.70 5.10
C ALA A 17 5.18 -7.56 4.05
N VAL A 18 5.39 -7.02 2.85
CA VAL A 18 5.87 -7.76 1.66
C VAL A 18 7.25 -7.32 1.23
N LEU A 19 7.56 -6.03 1.36
CA LEU A 19 8.81 -5.41 0.92
C LEU A 19 9.76 -5.18 2.08
N PHE A 20 9.24 -4.60 3.16
CA PHE A 20 10.03 -4.21 4.35
C PHE A 20 10.41 -5.39 5.25
N LEU A 1 -3.17 -2.98 -7.48
CA LEU A 1 -3.42 -2.50 -6.04
C LEU A 1 -4.89 -2.12 -5.77
N VAL A 2 -5.20 -0.82 -5.72
CA VAL A 2 -6.53 -0.22 -5.47
C VAL A 2 -6.64 1.05 -6.31
N ARG A 3 -7.85 1.34 -6.79
CA ARG A 3 -8.11 2.34 -7.83
C ARG A 3 -7.93 3.78 -7.35
N VAL A 4 -8.70 4.16 -6.33
CA VAL A 4 -8.83 5.55 -5.82
C VAL A 4 -7.87 5.90 -4.69
N ALA A 5 -7.10 4.93 -4.19
CA ALA A 5 -6.22 5.06 -3.02
C ALA A 5 -4.95 4.23 -3.22
N ARG A 6 -3.80 4.79 -2.84
CA ARG A 6 -2.50 4.11 -2.83
C ARG A 6 -1.58 4.65 -1.74
N LYS A 7 -1.18 5.93 -1.85
CA LYS A 7 -0.20 6.58 -0.99
C LYS A 7 -0.75 6.99 0.38
N LEU A 8 -0.04 6.59 1.45
CA LEU A 8 -0.45 6.70 2.85
C LEU A 8 -1.78 5.97 3.11
N ASP A 9 -2.00 4.89 2.34
CA ASP A 9 -3.33 4.25 2.18
C ASP A 9 -3.26 2.73 2.14
N ARG A 10 -2.70 2.16 1.07
CA ARG A 10 -2.86 0.74 0.70
C ARG A 10 -1.53 0.09 0.41
N TYR A 11 -0.75 0.64 -0.52
CA TYR A 11 0.63 0.17 -0.78
C TYR A 11 1.56 0.31 0.43
N SER A 12 1.12 1.09 1.42
CA SER A 12 1.61 1.20 2.79
C SER A 12 1.53 -0.13 3.54
N GLU A 13 0.33 -0.69 3.69
CA GLU A 13 0.10 -1.87 4.52
C GLU A 13 0.64 -3.13 3.86
N TYR A 14 0.42 -3.24 2.54
CA TYR A 14 0.94 -4.38 1.77
C TYR A 14 2.45 -4.30 1.68
N GLY A 15 2.98 -3.11 1.35
CA GLY A 15 4.42 -2.86 1.23
C GLY A 15 5.20 -3.21 2.49
N ALA A 16 4.65 -2.88 3.65
CA ALA A 16 5.27 -3.13 4.95
C ALA A 16 5.12 -4.58 5.43
N ALA A 17 4.21 -5.34 4.83
CA ALA A 17 4.03 -6.78 5.05
C ALA A 17 4.73 -7.67 4.04
N VAL A 18 5.07 -7.11 2.87
CA VAL A 18 5.58 -7.85 1.70
C VAL A 18 7.03 -7.49 1.39
N LEU A 19 7.39 -6.22 1.58
CA LEU A 19 8.72 -5.67 1.24
C LEU A 19 9.59 -5.55 2.47
N PHE A 20 9.02 -4.96 3.52
CA PHE A 20 9.75 -4.67 4.78
C PHE A 20 9.98 -5.89 5.68
N LEU A 1 -4.23 -3.10 -6.19
CA LEU A 1 -4.85 -2.17 -5.13
C LEU A 1 -5.44 -0.88 -5.73
N VAL A 2 -5.94 0.04 -4.89
CA VAL A 2 -6.70 1.25 -5.29
C VAL A 2 -5.92 2.16 -6.24
N ARG A 3 -6.64 2.75 -7.20
CA ARG A 3 -6.07 3.52 -8.32
C ARG A 3 -5.87 4.99 -7.95
N VAL A 4 -6.91 5.62 -7.41
CA VAL A 4 -6.93 7.06 -7.07
C VAL A 4 -6.07 7.46 -5.88
N ALA A 5 -5.69 6.49 -5.03
CA ALA A 5 -4.91 6.71 -3.82
C ALA A 5 -4.13 5.45 -3.43
N ARG A 6 -2.81 5.58 -3.42
CA ARG A 6 -1.85 4.52 -3.03
C ARG A 6 -1.03 4.98 -1.83
N LYS A 7 -0.41 6.16 -1.94
CA LYS A 7 0.43 6.78 -0.91
C LYS A 7 -0.32 7.02 0.41
N LEU A 8 0.23 6.50 1.51
CA LEU A 8 -0.32 6.53 2.87
C LEU A 8 -1.68 5.81 3.01
N ASP A 9 -2.00 4.90 2.07
CA ASP A 9 -3.33 4.30 1.88
C ASP A 9 -3.31 2.78 1.90
N ARG A 10 -2.71 2.15 0.86
CA ARG A 10 -2.86 0.71 0.58
C ARG A 10 -1.54 0.03 0.32
N TYR A 11 -0.72 0.57 -0.58
CA TYR A 11 0.66 0.08 -0.79
C TYR A 11 1.54 0.17 0.47
N SER A 12 1.07 0.96 1.44
CA SER A 12 1.52 1.11 2.81
C SER A 12 1.39 -0.18 3.60
N GLU A 13 0.17 -0.73 3.70
CA GLU A 13 -0.11 -1.90 4.56
C GLU A 13 0.43 -3.17 3.94
N TYR A 14 0.28 -3.30 2.62
CA TYR A 14 0.81 -4.48 1.90
C TYR A 14 2.32 -4.40 1.80
N GLY A 15 2.84 -3.24 1.39
CA GLY A 15 4.27 -3.05 1.13
C GLY A 15 5.14 -3.20 2.37
N ALA A 16 4.64 -2.81 3.54
CA ALA A 16 5.35 -2.94 4.80
C ALA A 16 5.33 -4.37 5.36
N ALA A 17 4.42 -5.21 4.86
CA ALA A 17 4.34 -6.65 5.14
C ALA A 17 4.99 -7.54 4.09
N VAL A 18 5.28 -6.98 2.91
CA VAL A 18 5.72 -7.74 1.71
C VAL A 18 7.12 -7.33 1.26
N LEU A 19 7.46 -6.04 1.40
CA LEU A 19 8.72 -5.44 0.97
C LEU A 19 9.66 -5.20 2.13
N PHE A 20 9.13 -4.59 3.20
CA PHE A 20 9.93 -4.13 4.35
C PHE A 20 10.37 -5.25 5.30
N LEU A 1 -4.25 -3.32 -5.67
CA LEU A 1 -4.89 -2.39 -4.64
C LEU A 1 -5.71 -1.23 -5.25
N VAL A 2 -6.19 -0.30 -4.42
CA VAL A 2 -7.06 0.83 -4.82
C VAL A 2 -6.37 1.71 -5.88
N ARG A 3 -7.20 2.22 -6.80
CA ARG A 3 -6.77 2.93 -8.01
C ARG A 3 -6.61 4.43 -7.77
N VAL A 4 -7.62 5.06 -7.18
CA VAL A 4 -7.68 6.52 -6.94
C VAL A 4 -6.74 7.01 -5.86
N ALA A 5 -6.25 6.11 -4.99
CA ALA A 5 -5.34 6.42 -3.89
C ALA A 5 -4.52 5.20 -3.52
N ARG A 6 -3.19 5.35 -3.58
CA ARG A 6 -2.19 4.33 -3.22
C ARG A 6 -1.31 4.84 -2.10
N LYS A 7 -0.76 6.04 -2.29
CA LYS A 7 0.12 6.77 -1.36
C LYS A 7 -0.55 7.01 -0.01
N LEU A 8 0.12 6.56 1.07
CA LEU A 8 -0.35 6.63 2.46
C LEU A 8 -1.70 5.93 2.66
N ASP A 9 -1.93 4.83 1.93
CA ASP A 9 -3.24 4.17 1.78
C ASP A 9 -3.17 2.66 1.98
N ARG A 10 -2.97 1.91 0.88
CA ARG A 10 -3.04 0.44 0.84
C ARG A 10 -1.67 -0.15 0.56
N TYR A 11 -0.92 0.38 -0.41
CA TYR A 11 0.47 -0.04 -0.70
C TYR A 11 1.39 0.13 0.50
N SER A 12 0.96 0.95 1.48
CA SER A 12 1.48 1.07 2.83
C SER A 12 1.50 -0.25 3.59
N GLU A 13 0.33 -0.89 3.74
CA GLU A 13 0.19 -2.09 4.57
C GLU A 13 0.76 -3.32 3.88
N TYR A 14 0.49 -3.45 2.57
CA TYR A 14 1.04 -4.55 1.77
C TYR A 14 2.54 -4.41 1.65
N GLY A 15 3.02 -3.20 1.33
CA GLY A 15 4.45 -2.90 1.16
C GLY A 15 5.28 -3.18 2.40
N ALA A 16 4.76 -2.85 3.58
CA ALA A 16 5.45 -3.03 4.85
C ALA A 16 5.39 -4.47 5.36
N ALA A 17 4.49 -5.29 4.81
CA ALA A 17 4.38 -6.73 5.07
C ALA A 17 5.10 -7.59 4.05
N VAL A 18 5.39 -7.04 2.87
CA VAL A 18 5.90 -7.79 1.71
C VAL A 18 7.31 -7.36 1.32
N LEU A 19 7.62 -6.06 1.48
CA LEU A 19 8.88 -5.45 1.06
C LEU A 19 9.79 -5.23 2.26
N PHE A 20 9.24 -4.65 3.33
CA PHE A 20 10.01 -4.26 4.52
C PHE A 20 10.40 -5.43 5.44
N LEU A 1 -3.82 -3.18 -6.59
CA LEU A 1 -4.08 -2.02 -5.62
C LEU A 1 -5.45 -1.35 -5.82
N VAL A 2 -5.84 -0.45 -4.91
CA VAL A 2 -7.09 0.35 -4.98
C VAL A 2 -7.00 1.36 -6.12
N ARG A 3 -8.17 1.71 -6.65
CA ARG A 3 -8.35 2.45 -7.92
C ARG A 3 -8.17 3.95 -7.75
N VAL A 4 -8.73 4.51 -6.68
CA VAL A 4 -8.74 5.96 -6.37
C VAL A 4 -7.54 6.46 -5.59
N ALA A 5 -6.76 5.55 -4.97
CA ALA A 5 -5.65 5.87 -4.08
C ALA A 5 -4.67 4.71 -3.95
N ARG A 6 -3.40 5.05 -3.69
CA ARG A 6 -2.33 4.12 -3.31
C ARG A 6 -1.49 4.73 -2.19
N LYS A 7 -0.98 5.94 -2.42
CA LYS A 7 -0.08 6.67 -1.52
C LYS A 7 -0.70 6.97 -0.15
N LEU A 8 0.02 6.55 0.91
CA LEU A 8 -0.40 6.61 2.32
C LEU A 8 -1.75 5.92 2.56
N ASP A 9 -1.98 4.81 1.85
CA ASP A 9 -3.29 4.13 1.75
C ASP A 9 -3.18 2.63 1.95
N ARG A 10 -2.99 1.86 0.86
CA ARG A 10 -3.03 0.39 0.85
C ARG A 10 -1.65 -0.20 0.55
N TYR A 11 -0.94 0.35 -0.44
CA TYR A 11 0.45 -0.06 -0.75
C TYR A 11 1.41 0.13 0.42
N SER A 12 0.99 0.94 1.39
CA SER A 12 1.53 1.11 2.73
C SER A 12 1.55 -0.18 3.54
N GLU A 13 0.38 -0.83 3.68
CA GLU A 13 0.25 -2.03 4.53
C GLU A 13 0.80 -3.26 3.85
N TYR A 14 0.50 -3.41 2.56
CA TYR A 14 1.03 -4.53 1.77
C TYR A 14 2.54 -4.39 1.64
N GLY A 15 3.02 -3.17 1.34
CA GLY A 15 4.45 -2.87 1.23
C GLY A 15 5.24 -3.18 2.49
N ALA A 16 4.67 -2.88 3.65
CA ALA A 16 5.27 -3.13 4.95
C ALA A 16 5.19 -4.59 5.42
N ALA A 17 4.32 -5.39 4.78
CA ALA A 17 4.19 -6.82 4.99
C ALA A 17 4.93 -7.67 3.96
N VAL A 18 5.30 -7.07 2.81
CA VAL A 18 5.84 -7.76 1.64
C VAL A 18 7.27 -7.33 1.34
N LEU A 19 7.58 -6.05 1.56
CA LEU A 19 8.88 -5.43 1.24
C LEU A 19 9.73 -5.30 2.49
N PHE A 20 9.12 -4.76 3.55
CA PHE A 20 9.80 -4.48 4.83
C PHE A 20 10.06 -5.73 5.68
N LEU A 1 -5.37 -2.75 -6.61
CA LEU A 1 -5.48 -1.79 -5.41
C LEU A 1 -6.65 -0.79 -5.53
N VAL A 2 -6.75 0.18 -4.62
CA VAL A 2 -7.65 1.34 -4.77
C VAL A 2 -7.12 2.25 -5.87
N ARG A 3 -8.07 2.86 -6.60
CA ARG A 3 -7.81 3.54 -7.88
C ARG A 3 -7.24 4.93 -7.66
N VAL A 4 -7.92 5.75 -6.86
CA VAL A 4 -7.64 7.19 -6.68
C VAL A 4 -6.62 7.53 -5.59
N ALA A 5 -6.26 6.55 -4.72
CA ALA A 5 -5.37 6.76 -3.59
C ALA A 5 -4.63 5.46 -3.27
N ARG A 6 -3.28 5.55 -3.23
CA ARG A 6 -2.37 4.46 -2.87
C ARG A 6 -1.44 4.91 -1.76
N LYS A 7 -0.83 6.09 -1.94
CA LYS A 7 0.06 6.77 -0.98
C LYS A 7 -0.62 7.00 0.37
N LEU A 8 0.00 6.47 1.44
CA LEU A 8 -0.49 6.51 2.83
C LEU A 8 -1.85 5.79 2.97
N ASP A 9 -2.06 4.74 2.17
CA ASP A 9 -3.36 4.09 1.97
C ASP A 9 -3.27 2.56 2.05
N ARG A 10 -3.04 1.89 0.92
CA ARG A 10 -3.11 0.42 0.78
C ARG A 10 -1.73 -0.17 0.56
N TYR A 11 -0.96 0.39 -0.39
CA TYR A 11 0.42 -0.04 -0.67
C TYR A 11 1.35 0.11 0.54
N SER A 12 0.90 0.89 1.51
CA SER A 12 1.43 1.04 2.85
C SER A 12 1.44 -0.25 3.65
N GLU A 13 0.28 -0.91 3.78
CA GLU A 13 0.14 -2.11 4.61
C GLU A 13 0.72 -3.35 3.93
N TYR A 14 0.47 -3.46 2.62
CA TYR A 14 1.03 -4.57 1.84
C TYR A 14 2.54 -4.41 1.71
N GLY A 15 2.99 -3.21 1.37
CA GLY A 15 4.40 -2.90 1.16
C GLY A 15 5.26 -3.14 2.38
N ALA A 16 4.74 -2.82 3.56
CA ALA A 16 5.46 -2.99 4.83
C ALA A 16 5.46 -4.43 5.34
N ALA A 17 4.53 -5.27 4.85
CA ALA A 17 4.45 -6.70 5.13
C ALA A 17 5.16 -7.57 4.10
N VAL A 18 5.43 -7.02 2.91
CA VAL A 18 5.94 -7.76 1.73
C VAL A 18 7.33 -7.32 1.33
N LEU A 19 7.62 -6.01 1.46
CA LEU A 19 8.87 -5.39 1.02
C LEU A 19 9.80 -5.12 2.19
N PHE A 20 9.25 -4.50 3.24
CA PHE A 20 10.04 -3.98 4.38
C PHE A 20 10.52 -5.07 5.35
N LEU A 1 -2.99 -3.08 -6.97
CA LEU A 1 -3.34 -1.94 -6.01
C LEU A 1 -4.51 -1.08 -6.53
N VAL A 2 -5.17 -0.31 -5.63
CA VAL A 2 -6.33 0.56 -5.92
C VAL A 2 -5.94 1.68 -6.88
N ARG A 3 -6.86 2.01 -7.79
CA ARG A 3 -6.71 2.98 -8.91
C ARG A 3 -6.73 4.47 -8.53
N VAL A 4 -6.33 4.78 -7.29
CA VAL A 4 -6.29 6.12 -6.66
C VAL A 4 -5.72 6.03 -5.25
N ALA A 5 -6.24 5.10 -4.44
CA ALA A 5 -5.93 5.01 -3.00
C ALA A 5 -4.79 4.04 -2.76
N ARG A 6 -3.60 4.50 -3.14
CA ARG A 6 -2.31 3.85 -2.87
C ARG A 6 -1.58 4.53 -1.73
N LYS A 7 -1.21 5.81 -1.92
CA LYS A 7 -0.31 6.55 -1.03
C LYS A 7 -0.91 6.85 0.35
N LEU A 8 -0.19 6.42 1.40
CA LEU A 8 -0.61 6.46 2.82
C LEU A 8 -1.89 5.65 3.06
N ASP A 9 -2.12 4.62 2.23
CA ASP A 9 -3.40 3.93 2.10
C ASP A 9 -3.26 2.41 2.13
N ARG A 10 -2.98 1.77 0.98
CA ARG A 10 -3.04 0.32 0.81
C ARG A 10 -1.63 -0.23 0.57
N TYR A 11 -0.88 0.38 -0.34
CA TYR A 11 0.52 0.01 -0.63
C TYR A 11 1.45 0.18 0.58
N SER A 12 0.97 0.90 1.59
CA SER A 12 1.52 1.04 2.92
C SER A 12 1.53 -0.28 3.67
N GLU A 13 0.35 -0.91 3.82
CA GLU A 13 0.21 -2.11 4.65
C GLU A 13 0.76 -3.34 3.97
N TYR A 14 0.50 -3.47 2.66
CA TYR A 14 1.04 -4.57 1.86
C TYR A 14 2.55 -4.42 1.71
N GLY A 15 3.00 -3.21 1.37
CA GLY A 15 4.42 -2.89 1.19
C GLY A 15 5.29 -3.18 2.40
N ALA A 16 4.77 -2.88 3.58
CA ALA A 16 5.48 -3.08 4.84
C ALA A 16 5.45 -4.52 5.36
N ALA A 17 4.53 -5.33 4.83
CA ALA A 17 4.43 -6.77 5.09
C ALA A 17 5.14 -7.64 4.04
N VAL A 18 5.39 -7.07 2.86
CA VAL A 18 5.88 -7.81 1.67
C VAL A 18 7.27 -7.38 1.26
N LEU A 19 7.57 -6.08 1.40
CA LEU A 19 8.84 -5.47 0.97
C LEU A 19 9.78 -5.26 2.14
N PHE A 20 9.26 -4.67 3.21
CA PHE A 20 10.06 -4.25 4.39
C PHE A 20 10.49 -5.41 5.30
N LEU A 1 -3.40 -2.66 -7.29
CA LEU A 1 -3.66 -1.88 -6.00
C LEU A 1 -5.02 -1.14 -6.05
N VAL A 2 -5.02 0.19 -6.06
CA VAL A 2 -6.19 1.10 -6.08
C VAL A 2 -5.74 2.39 -6.77
N ARG A 3 -6.66 3.07 -7.46
CA ARG A 3 -6.39 4.28 -8.28
C ARG A 3 -6.83 5.61 -7.64
N VAL A 4 -7.87 5.57 -6.81
CA VAL A 4 -8.39 6.74 -6.06
C VAL A 4 -7.45 7.13 -4.93
N ALA A 5 -6.73 6.15 -4.36
CA ALA A 5 -5.78 6.31 -3.26
C ALA A 5 -4.69 5.23 -3.34
N ARG A 6 -3.55 5.51 -2.70
CA ARG A 6 -2.42 4.59 -2.52
C ARG A 6 -1.49 5.05 -1.41
N LYS A 7 -0.97 6.27 -1.51
CA LYS A 7 -0.10 6.92 -0.51
C LYS A 7 -0.77 7.02 0.86
N LEU A 8 -0.11 6.44 1.87
CA LEU A 8 -0.55 6.31 3.27
C LEU A 8 -1.80 5.42 3.41
N ASP A 9 -2.11 4.61 2.39
CA ASP A 9 -3.40 3.92 2.19
C ASP A 9 -3.26 2.40 2.19
N ARG A 10 -3.05 1.80 1.01
CA ARG A 10 -3.11 0.34 0.77
C ARG A 10 -1.72 -0.20 0.52
N TYR A 11 -1.00 0.40 -0.44
CA TYR A 11 0.38 0.03 -0.78
C TYR A 11 1.35 0.15 0.40
N SER A 12 0.95 0.92 1.40
CA SER A 12 1.57 1.07 2.72
C SER A 12 1.57 -0.22 3.51
N GLU A 13 0.39 -0.83 3.71
CA GLU A 13 0.27 -2.02 4.55
C GLU A 13 0.82 -3.26 3.87
N TYR A 14 0.54 -3.40 2.57
CA TYR A 14 1.09 -4.50 1.78
C TYR A 14 2.59 -4.35 1.63
N GLY A 15 3.04 -3.13 1.29
CA GLY A 15 4.46 -2.79 1.16
C GLY A 15 5.28 -3.11 2.40
N ALA A 16 4.74 -2.84 3.57
CA ALA A 16 5.41 -3.06 4.85
C ALA A 16 5.36 -4.51 5.33
N ALA A 17 4.41 -5.30 4.81
CA ALA A 17 4.25 -6.73 5.08
C ALA A 17 4.97 -7.62 4.08
N VAL A 18 5.28 -7.07 2.90
CA VAL A 18 5.83 -7.81 1.74
C VAL A 18 7.25 -7.40 1.40
N LEU A 19 7.56 -6.10 1.55
CA LEU A 19 8.85 -5.52 1.13
C LEU A 19 9.76 -5.32 2.33
N PHE A 20 9.20 -4.68 3.37
CA PHE A 20 9.96 -4.24 4.56
C PHE A 20 10.35 -5.36 5.53
N LEU A 1 -3.95 -3.60 -5.53
CA LEU A 1 -4.68 -2.69 -4.52
C LEU A 1 -5.61 -1.65 -5.15
N VAL A 2 -6.11 -0.70 -4.35
CA VAL A 2 -7.03 0.38 -4.76
C VAL A 2 -6.43 1.23 -5.88
N ARG A 3 -7.32 1.69 -6.78
CA ARG A 3 -6.99 2.31 -8.06
C ARG A 3 -6.84 3.82 -7.96
N VAL A 4 -7.77 4.47 -7.24
CA VAL A 4 -7.84 5.95 -7.08
C VAL A 4 -6.78 6.48 -6.12
N ALA A 5 -6.47 5.72 -5.05
CA ALA A 5 -5.54 6.10 -3.99
C ALA A 5 -4.62 4.92 -3.67
N ARG A 6 -3.32 5.21 -3.52
CA ARG A 6 -2.28 4.25 -3.15
C ARG A 6 -1.42 4.81 -2.03
N LYS A 7 -0.88 6.02 -2.25
CA LYS A 7 0.00 6.76 -1.34
C LYS A 7 -0.65 6.96 0.04
N LEU A 8 0.05 6.49 1.10
CA LEU A 8 -0.39 6.54 2.50
C LEU A 8 -1.72 5.82 2.74
N ASP A 9 -2.00 4.77 1.95
CA ASP A 9 -3.32 4.13 1.83
C ASP A 9 -3.24 2.62 2.03
N ARG A 10 -2.98 1.88 0.95
CA ARG A 10 -3.02 0.40 0.90
C ARG A 10 -1.66 -0.17 0.59
N TYR A 11 -0.92 0.38 -0.39
CA TYR A 11 0.46 -0.02 -0.70
C TYR A 11 1.42 0.14 0.48
N SER A 12 0.98 0.94 1.46
CA SER A 12 1.51 1.08 2.81
C SER A 12 1.52 -0.23 3.59
N GLU A 13 0.35 -0.86 3.75
CA GLU A 13 0.22 -2.08 4.58
C GLU A 13 0.78 -3.30 3.88
N TYR A 14 0.50 -3.42 2.58
CA TYR A 14 1.05 -4.52 1.78
C TYR A 14 2.56 -4.38 1.64
N GLY A 15 3.02 -3.16 1.35
CA GLY A 15 4.44 -2.84 1.23
C GLY A 15 5.25 -3.16 2.47
N ALA A 16 4.71 -2.88 3.64
CA ALA A 16 5.36 -3.10 4.92
C ALA A 16 5.28 -4.56 5.40
N ALA A 17 4.37 -5.36 4.80
CA ALA A 17 4.26 -6.79 5.01
C ALA A 17 5.01 -7.65 3.99
N VAL A 18 5.31 -7.06 2.83
CA VAL A 18 5.84 -7.78 1.65
C VAL A 18 7.26 -7.36 1.32
N LEU A 19 7.57 -6.07 1.51
CA LEU A 19 8.85 -5.46 1.14
C LEU A 19 9.74 -5.29 2.37
N PHE A 20 9.17 -4.75 3.44
CA PHE A 20 9.90 -4.42 4.68
C PHE A 20 10.22 -5.63 5.58
N LEU A 1 -2.90 -3.19 -7.09
CA LEU A 1 -3.32 -2.24 -5.97
C LEU A 1 -4.63 -1.49 -6.29
N VAL A 2 -5.36 -1.02 -5.27
CA VAL A 2 -6.56 -0.19 -5.39
C VAL A 2 -6.30 1.05 -6.24
N ARG A 3 -7.34 1.48 -6.97
CA ARG A 3 -7.27 2.52 -8.00
C ARG A 3 -7.52 3.91 -7.43
N VAL A 4 -8.59 4.05 -6.62
CA VAL A 4 -9.03 5.33 -6.02
C VAL A 4 -8.15 5.85 -4.90
N ALA A 5 -7.30 4.98 -4.32
CA ALA A 5 -6.37 5.29 -3.24
C ALA A 5 -5.19 4.32 -3.26
N ARG A 6 -4.03 4.80 -2.80
CA ARG A 6 -2.80 4.02 -2.60
C ARG A 6 -1.86 4.66 -1.60
N LYS A 7 -1.46 5.92 -1.85
CA LYS A 7 -0.58 6.74 -1.01
C LYS A 7 -1.11 6.92 0.41
N LEU A 8 -0.33 6.49 1.41
CA LEU A 8 -0.66 6.47 2.83
C LEU A 8 -1.92 5.65 3.14
N ASP A 9 -2.20 4.63 2.31
CA ASP A 9 -3.49 3.92 2.23
C ASP A 9 -3.32 2.41 2.26
N ARG A 10 -2.97 1.81 1.11
CA ARG A 10 -3.02 0.36 0.89
C ARG A 10 -1.64 -0.20 0.61
N TYR A 11 -0.92 0.40 -0.35
CA TYR A 11 0.48 0.03 -0.67
C TYR A 11 1.44 0.20 0.50
N SER A 12 1.00 0.97 1.49
CA SER A 12 1.56 1.10 2.83
C SER A 12 1.59 -0.23 3.60
N GLU A 13 0.43 -0.86 3.77
CA GLU A 13 0.32 -2.07 4.60
C GLU A 13 0.85 -3.30 3.90
N TYR A 14 0.55 -3.42 2.60
CA TYR A 14 1.08 -4.52 1.79
C TYR A 14 2.58 -4.36 1.64
N GLY A 15 3.05 -3.15 1.35
CA GLY A 15 4.48 -2.84 1.22
C GLY A 15 5.28 -3.18 2.46
N ALA A 16 4.73 -2.91 3.64
CA ALA A 16 5.37 -3.15 4.93
C ALA A 16 5.29 -4.61 5.38
N ALA A 17 4.37 -5.39 4.78
CA ALA A 17 4.21 -6.84 5.02
C ALA A 17 4.93 -7.70 4.00
N VAL A 18 5.27 -7.12 2.84
CA VAL A 18 5.81 -7.83 1.67
C VAL A 18 7.24 -7.42 1.35
N LEU A 19 7.55 -6.12 1.53
CA LEU A 19 8.85 -5.54 1.17
C LEU A 19 9.73 -5.36 2.39
N PHE A 20 9.16 -4.78 3.46
CA PHE A 20 9.92 -4.41 4.68
C PHE A 20 10.29 -5.60 5.58
N LEU A 1 -4.27 -3.03 -6.09
CA LEU A 1 -4.89 -2.21 -4.96
C LEU A 1 -5.66 -0.96 -5.45
N VAL A 2 -6.24 -0.18 -4.52
CA VAL A 2 -7.13 0.97 -4.80
C VAL A 2 -6.45 2.02 -5.68
N ARG A 3 -7.20 2.47 -6.68
CA ARG A 3 -6.70 3.35 -7.76
C ARG A 3 -6.74 4.83 -7.42
N VAL A 4 -7.78 5.27 -6.70
CA VAL A 4 -7.99 6.68 -6.29
C VAL A 4 -7.11 7.12 -5.13
N ALA A 5 -6.54 6.18 -4.38
CA ALA A 5 -5.80 6.42 -3.14
C ALA A 5 -4.85 5.27 -2.83
N ARG A 6 -3.54 5.55 -2.93
CA ARG A 6 -2.44 4.61 -2.69
C ARG A 6 -1.57 5.06 -1.53
N LYS A 7 -1.07 6.30 -1.61
CA LYS A 7 -0.13 6.92 -0.67
C LYS A 7 -0.74 7.14 0.72
N LEU A 8 -0.09 6.56 1.73
CA LEU A 8 -0.53 6.53 3.14
C LEU A 8 -1.82 5.73 3.34
N ASP A 9 -2.15 4.86 2.37
CA ASP A 9 -3.46 4.19 2.25
C ASP A 9 -3.35 2.67 2.17
N ARG A 10 -2.77 2.15 1.08
CA ARG A 10 -2.87 0.73 0.71
C ARG A 10 -1.52 0.12 0.41
N TYR A 11 -0.75 0.71 -0.51
CA TYR A 11 0.64 0.29 -0.79
C TYR A 11 1.55 0.35 0.43
N SER A 12 1.10 1.11 1.44
CA SER A 12 1.60 1.21 2.80
C SER A 12 1.50 -0.10 3.56
N GLU A 13 0.30 -0.67 3.68
CA GLU A 13 0.08 -1.87 4.51
C GLU A 13 0.63 -3.11 3.86
N TYR A 14 0.43 -3.22 2.54
CA TYR A 14 0.94 -4.36 1.77
C TYR A 14 2.46 -4.27 1.66
N GLY A 15 2.96 -3.09 1.27
CA GLY A 15 4.40 -2.85 1.10
C GLY A 15 5.23 -3.15 2.32
N ALA A 16 4.73 -2.80 3.50
CA ALA A 16 5.43 -3.00 4.76
C ALA A 16 5.31 -4.41 5.32
N ALA A 17 4.35 -5.19 4.83
CA ALA A 17 4.16 -6.59 5.17
C ALA A 17 4.81 -7.54 4.18
N VAL A 18 5.08 -7.06 2.95
CA VAL A 18 5.55 -7.88 1.82
C VAL A 18 6.96 -7.55 1.42
N LEU A 19 7.35 -6.26 1.50
CA LEU A 19 8.65 -5.76 1.05
C LEU A 19 9.59 -5.54 2.23
N PHE A 20 9.08 -4.88 3.27
CA PHE A 20 9.90 -4.44 4.42
C PHE A 20 10.26 -5.57 5.39
#